data_3OCV
#
_entry.id   3OCV
#
_cell.length_a   97.885
_cell.length_b   97.885
_cell.length_c   107.084
_cell.angle_alpha   90.000
_cell.angle_beta   90.000
_cell.angle_gamma   120.000
#
_symmetry.space_group_name_H-M   'P 65 2 2'
#
loop_
_entity.id
_entity.type
_entity.pdbx_description
1 polymer 'Lipoprotein E'
2 non-polymer 'ADENOSINE MONOPHOSPHATE'
3 non-polymer 'MAGNESIUM ION'
4 water water
#
_entity_poly.entity_id   1
_entity_poly.type   'polypeptide(L)'
_entity_poly.pdbx_seq_one_letter_code
;MGSHQMKSEEHANMQLQQQAVLGLNWMQDSGEYKALAYQAYNAAKVAFDHAKVAKGKKKAVVADLNETMLDNSPYAGWQV
QNNKPFDGKDWTRWVDARQSRAVPGAVEFNNYVNSHNGKVFYVTNRKDSTEKSGTIDDMKRLGFNGVEESAFYLKKDKSA
KAARFAEIEKQGYEIVLYVGDNLDDFGNTVYGKLNADRRAFVDQNQGKFGKTFIMLPNANYGGWEGGLAEGYFKKDTQGQ
IKARLDAVQAWDGKLEHHHHHH
;
_entity_poly.pdbx_strand_id   A
#
loop_
_chem_comp.id
_chem_comp.type
_chem_comp.name
_chem_comp.formula
AMP non-polymer 'ADENOSINE MONOPHOSPHATE' 'C10 H14 N5 O7 P'
MG non-polymer 'MAGNESIUM ION' 'Mg 2'
#
# COMPACT_ATOMS: atom_id res chain seq x y z
N GLU A 9 -13.57 14.06 21.42
CA GLU A 9 -12.81 15.20 21.89
C GLU A 9 -11.79 15.67 20.86
N GLU A 10 -11.73 16.98 20.65
CA GLU A 10 -10.77 17.57 19.72
C GLU A 10 -9.35 17.32 20.21
N HIS A 11 -9.18 17.32 21.52
CA HIS A 11 -7.88 17.09 22.12
C HIS A 11 -7.34 15.71 21.75
N ALA A 12 -8.19 14.69 21.83
CA ALA A 12 -7.80 13.33 21.47
C ALA A 12 -7.50 13.20 19.97
N ASN A 13 -8.34 13.82 19.14
CA ASN A 13 -8.11 13.81 17.70
C ASN A 13 -6.75 14.43 17.39
N MET A 14 -6.41 15.48 18.14
CA MET A 14 -5.13 16.16 18.00
CA MET A 14 -5.14 16.16 17.97
C MET A 14 -3.97 15.23 18.31
N GLN A 15 -4.02 14.63 19.50
CA GLN A 15 -2.95 13.73 19.93
C GLN A 15 -2.80 12.57 18.96
N LEU A 16 -3.91 12.01 18.52
CA LEU A 16 -3.85 10.84 17.63
C LEU A 16 -3.09 11.20 16.35
N GLN A 17 -3.42 12.35 15.77
CA GLN A 17 -2.78 12.75 14.53
C GLN A 17 -1.36 13.29 14.72
N GLN A 18 -1.08 13.86 15.88
CA GLN A 18 0.30 14.30 16.15
C GLN A 18 1.26 13.12 16.14
N GLN A 19 0.74 11.94 16.51
CA GLN A 19 1.58 10.74 16.59
C GLN A 19 2.11 10.29 15.23
N ALA A 20 1.54 10.84 14.16
CA ALA A 20 1.96 10.50 12.80
C ALA A 20 3.01 11.45 12.23
N VAL A 21 3.31 12.53 12.93
CA VAL A 21 4.09 13.62 12.33
C VAL A 21 5.50 13.21 11.89
N LEU A 22 6.25 12.59 12.79
CA LEU A 22 7.64 12.27 12.47
C LEU A 22 7.76 11.28 11.30
N GLY A 23 6.90 10.27 11.30
CA GLY A 23 6.89 9.30 10.20
C GLY A 23 6.48 9.95 8.89
N LEU A 24 5.59 10.93 8.97
CA LEU A 24 5.18 11.67 7.78
C LEU A 24 6.32 12.53 7.24
N ASN A 25 7.05 13.20 8.13
CA ASN A 25 8.24 13.95 7.73
C ASN A 25 9.21 13.03 7.01
N TRP A 26 9.42 11.84 7.57
CA TRP A 26 10.32 10.87 6.95
C TRP A 26 9.85 10.50 5.54
N MET A 27 8.58 10.15 5.40
CA MET A 27 8.08 9.74 4.09
C MET A 27 8.07 10.88 3.07
N GLN A 28 7.71 12.07 3.53
CA GLN A 28 7.58 13.20 2.61
C GLN A 28 8.89 13.88 2.24
N ASP A 29 9.84 13.97 3.19
CA ASP A 29 11.00 14.83 3.04
CA ASP A 29 11.00 14.82 3.02
C ASP A 29 12.31 14.07 2.86
N SER A 30 12.41 12.86 3.40
CA SER A 30 13.73 12.19 3.43
C SER A 30 14.20 11.65 2.09
N GLY A 31 15.51 11.72 1.86
CA GLY A 31 16.10 11.01 0.75
C GLY A 31 16.05 9.51 1.02
N GLU A 32 16.14 9.15 2.30
CA GLU A 32 16.10 7.74 2.69
C GLU A 32 14.83 7.03 2.20
N TYR A 33 13.67 7.68 2.34
CA TYR A 33 12.45 7.09 1.83
C TYR A 33 12.54 6.86 0.32
N LYS A 34 13.01 7.86 -0.42
CA LYS A 34 13.19 7.71 -1.88
C LYS A 34 14.10 6.54 -2.20
N ALA A 35 15.19 6.39 -1.43
CA ALA A 35 16.16 5.33 -1.68
C ALA A 35 15.53 3.96 -1.48
N LEU A 36 14.65 3.85 -0.48
CA LEU A 36 13.95 2.59 -0.23
C LEU A 36 12.98 2.27 -1.38
N ALA A 37 12.36 3.31 -1.95
CA ALA A 37 11.46 3.12 -3.09
C ALA A 37 12.25 2.65 -4.31
N TYR A 38 13.35 3.32 -4.61
CA TYR A 38 14.22 2.88 -5.71
C TYR A 38 14.74 1.46 -5.47
N GLN A 39 15.12 1.15 -4.24
CA GLN A 39 15.60 -0.19 -3.91
C GLN A 39 14.56 -1.25 -4.25
N ALA A 40 13.32 -0.99 -3.86
CA ALA A 40 12.22 -1.91 -4.13
C ALA A 40 12.03 -2.10 -5.62
N TYR A 41 11.94 -1.00 -6.37
CA TYR A 41 11.67 -1.10 -7.80
C TYR A 41 12.85 -1.64 -8.61
N ASN A 42 14.07 -1.38 -8.14
CA ASN A 42 15.25 -2.00 -8.75
C ASN A 42 15.19 -3.52 -8.58
N ALA A 43 14.87 -3.96 -7.36
CA ALA A 43 14.72 -5.38 -7.09
C ALA A 43 13.57 -5.99 -7.90
N ALA A 44 12.47 -5.24 -8.03
CA ALA A 44 11.32 -5.73 -8.77
C ALA A 44 11.67 -5.99 -10.24
N LYS A 45 12.46 -5.11 -10.85
CA LYS A 45 12.86 -5.29 -12.24
CA LYS A 45 12.84 -5.29 -12.24
C LYS A 45 13.69 -6.56 -12.40
N VAL A 46 14.62 -6.78 -11.49
CA VAL A 46 15.45 -7.99 -11.52
C VAL A 46 14.57 -9.24 -11.44
N ALA A 47 13.61 -9.22 -10.52
CA ALA A 47 12.70 -10.36 -10.36
C ALA A 47 11.85 -10.57 -11.61
N PHE A 48 11.35 -9.49 -12.19
CA PHE A 48 10.53 -9.60 -13.39
C PHE A 48 11.33 -10.21 -14.55
N ASP A 49 12.55 -9.72 -14.74
CA ASP A 49 13.38 -10.19 -15.85
C ASP A 49 13.74 -11.67 -15.69
N HIS A 50 13.90 -12.11 -14.44
CA HIS A 50 14.26 -13.50 -14.16
C HIS A 50 13.07 -14.45 -14.32
N ALA A 51 11.87 -13.91 -14.15
CA ALA A 51 10.68 -14.77 -14.06
C ALA A 51 10.39 -15.53 -15.33
N LYS A 52 10.05 -16.81 -15.16
CA LYS A 52 9.54 -17.64 -16.24
C LYS A 52 8.19 -18.19 -15.80
N VAL A 53 7.25 -18.27 -16.74
CA VAL A 53 5.93 -18.76 -16.39
C VAL A 53 5.63 -20.09 -17.07
N ALA A 54 4.57 -20.75 -16.62
CA ALA A 54 4.15 -22.01 -17.22
C ALA A 54 3.79 -21.83 -18.69
N LYS A 55 3.98 -22.89 -19.47
CA LYS A 55 3.62 -22.88 -20.88
C LYS A 55 2.16 -22.43 -21.05
N GLY A 56 1.94 -21.50 -21.98
CA GLY A 56 0.61 -21.02 -22.25
C GLY A 56 0.12 -19.89 -21.36
N LYS A 57 0.92 -19.52 -20.36
CA LYS A 57 0.54 -18.42 -19.47
C LYS A 57 1.13 -17.10 -19.97
N LYS A 58 0.43 -16.02 -19.65
CA LYS A 58 0.97 -14.66 -19.85
C LYS A 58 1.56 -14.17 -18.53
N LYS A 59 2.58 -13.32 -18.60
CA LYS A 59 3.26 -12.80 -17.41
C LYS A 59 2.51 -11.61 -16.82
N ALA A 60 2.08 -11.74 -15.57
CA ALA A 60 1.46 -10.62 -14.86
C ALA A 60 2.26 -10.19 -13.67
N VAL A 61 2.22 -8.89 -13.40
CA VAL A 61 2.72 -8.33 -12.15
C VAL A 61 1.52 -7.74 -11.45
N VAL A 62 1.35 -8.05 -10.17
CA VAL A 62 0.29 -7.43 -9.39
C VAL A 62 0.88 -6.30 -8.56
N ALA A 63 0.29 -5.12 -8.69
CA ALA A 63 0.76 -3.97 -7.94
C ALA A 63 -0.38 -3.34 -7.16
N ASP A 64 -0.11 -3.10 -5.88
CA ASP A 64 -0.95 -2.24 -5.07
C ASP A 64 -0.84 -0.81 -5.60
N LEU A 65 -1.82 0.05 -5.29
CA LEU A 65 -1.67 1.46 -5.61
C LEU A 65 -1.25 2.34 -4.43
N ASN A 66 -2.09 2.47 -3.41
CA ASN A 66 -1.81 3.49 -2.40
C ASN A 66 -0.58 3.22 -1.56
N GLU A 67 0.37 4.15 -1.62
CA GLU A 67 1.66 4.02 -0.92
C GLU A 67 2.56 2.93 -1.49
N THR A 68 2.22 2.49 -2.70
CA THR A 68 3.05 1.55 -3.44
C THR A 68 3.43 2.18 -4.78
N MET A 69 2.43 2.54 -5.56
CA MET A 69 2.65 3.29 -6.79
C MET A 69 2.18 4.73 -6.70
N LEU A 70 1.14 4.98 -5.91
CA LEU A 70 0.62 6.35 -5.71
C LEU A 70 0.98 6.86 -4.32
N ASP A 71 1.37 8.12 -4.27
CA ASP A 71 1.77 8.78 -3.03
C ASP A 71 0.63 9.73 -2.61
N ASN A 72 0.01 9.40 -1.49
CA ASN A 72 -1.12 10.16 -0.95
C ASN A 72 -0.74 10.96 0.29
N SER A 73 0.56 11.20 0.48
CA SER A 73 0.99 11.86 1.71
C SER A 73 0.31 13.20 2.00
N PRO A 74 -0.06 13.97 0.96
CA PRO A 74 -0.75 15.24 1.29
C PRO A 74 -2.06 15.04 2.05
N TYR A 75 -2.74 13.91 1.86
CA TYR A 75 -3.92 13.62 2.66
C TYR A 75 -3.53 13.46 4.13
N ALA A 76 -2.45 12.73 4.39
CA ALA A 76 -1.95 12.60 5.76
C ALA A 76 -1.58 13.96 6.34
N GLY A 77 -1.00 14.82 5.52
CA GLY A 77 -0.63 16.16 5.96
C GLY A 77 -1.87 16.95 6.36
N TRP A 78 -2.94 16.80 5.57
CA TRP A 78 -4.21 17.46 5.87
C TRP A 78 -4.77 16.92 7.19
N GLN A 79 -4.61 15.62 7.44
CA GLN A 79 -5.06 15.03 8.70
C GLN A 79 -4.34 15.67 9.88
N VAL A 80 -3.04 15.84 9.74
CA VAL A 80 -2.23 16.43 10.80
C VAL A 80 -2.66 17.87 11.05
N GLN A 81 -2.86 18.62 9.98
CA GLN A 81 -3.17 20.05 10.13
C GLN A 81 -4.56 20.30 10.67
N ASN A 82 -5.47 19.36 10.42
CA ASN A 82 -6.86 19.54 10.81
C ASN A 82 -7.33 18.59 11.92
N ASN A 83 -6.38 17.86 12.50
CA ASN A 83 -6.68 16.93 13.59
C ASN A 83 -7.79 15.95 13.20
N LYS A 84 -7.65 15.36 12.02
CA LYS A 84 -8.69 14.53 11.44
C LYS A 84 -8.29 13.06 11.39
N PRO A 85 -8.96 12.22 12.19
CA PRO A 85 -8.73 10.78 12.05
C PRO A 85 -9.19 10.31 10.68
N PHE A 86 -8.66 9.19 10.20
CA PHE A 86 -9.07 8.70 8.88
C PHE A 86 -10.58 8.54 8.77
N ASP A 87 -11.13 9.01 7.65
CA ASP A 87 -12.55 8.84 7.35
C ASP A 87 -12.65 8.61 5.85
N GLY A 88 -13.30 7.51 5.47
CA GLY A 88 -13.46 7.19 4.06
C GLY A 88 -14.12 8.29 3.24
N LYS A 89 -14.98 9.08 3.85
CA LYS A 89 -15.65 10.16 3.12
C LYS A 89 -14.67 11.27 2.75
N ASP A 90 -13.74 11.56 3.66
CA ASP A 90 -12.68 12.51 3.37
C ASP A 90 -11.74 11.93 2.31
N TRP A 91 -11.46 10.64 2.43
CA TRP A 91 -10.58 9.96 1.47
C TRP A 91 -11.13 10.06 0.04
N THR A 92 -12.43 9.85 -0.12
CA THR A 92 -13.04 9.96 -1.44
C THR A 92 -12.86 11.36 -2.02
N ARG A 93 -12.98 12.38 -1.18
CA ARG A 93 -12.76 13.74 -1.64
C ARG A 93 -11.30 13.94 -2.04
N TRP A 94 -10.38 13.40 -1.25
CA TRP A 94 -8.97 13.46 -1.61
C TRP A 94 -8.72 12.83 -3.00
N VAL A 95 -9.27 11.64 -3.22
CA VAL A 95 -9.10 10.99 -4.52
C VAL A 95 -9.66 11.87 -5.63
N ASP A 96 -10.83 12.46 -5.40
CA ASP A 96 -11.49 13.30 -6.39
C ASP A 96 -10.69 14.57 -6.66
N ALA A 97 -9.84 14.96 -5.70
CA ALA A 97 -9.06 16.19 -5.84
C ALA A 97 -7.99 16.06 -6.92
N ARG A 98 -7.68 14.82 -7.30
CA ARG A 98 -6.73 14.55 -8.38
C ARG A 98 -5.39 15.25 -8.16
N GLN A 99 -4.81 14.98 -6.98
CA GLN A 99 -3.51 15.54 -6.62
C GLN A 99 -2.54 14.45 -6.18
N SER A 100 -2.85 13.19 -6.54
CA SER A 100 -1.96 12.10 -6.18
C SER A 100 -0.60 12.29 -6.84
N ARG A 101 0.45 11.83 -6.16
CA ARG A 101 1.78 11.85 -6.76
C ARG A 101 2.20 10.42 -7.02
N ALA A 102 3.33 10.22 -7.69
CA ALA A 102 3.84 8.88 -7.92
C ALA A 102 4.96 8.52 -6.94
N VAL A 103 4.95 7.27 -6.48
CA VAL A 103 6.06 6.77 -5.67
C VAL A 103 7.30 6.67 -6.56
N PRO A 104 8.46 7.10 -6.05
CA PRO A 104 9.65 7.08 -6.90
C PRO A 104 9.94 5.69 -7.47
N GLY A 105 10.28 5.65 -8.76
CA GLY A 105 10.58 4.39 -9.43
C GLY A 105 9.38 3.63 -9.97
N ALA A 106 8.18 3.95 -9.50
CA ALA A 106 7.00 3.15 -9.83
C ALA A 106 6.60 3.25 -11.30
N VAL A 107 6.56 4.47 -11.84
CA VAL A 107 6.15 4.66 -13.23
C VAL A 107 7.11 3.94 -14.18
N GLU A 108 8.41 4.10 -13.96
CA GLU A 108 9.43 3.47 -14.79
C GLU A 108 9.29 1.95 -14.76
N PHE A 109 9.12 1.39 -13.57
CA PHE A 109 8.95 -0.06 -13.45
C PHE A 109 7.68 -0.52 -14.14
N ASN A 110 6.58 0.17 -13.87
CA ASN A 110 5.30 -0.14 -14.50
C ASN A 110 5.41 -0.17 -16.02
N ASN A 111 6.00 0.89 -16.57
CA ASN A 111 6.08 1.01 -18.01
C ASN A 111 7.05 0.01 -18.63
N TYR A 112 8.09 -0.33 -17.88
CA TYR A 112 9.04 -1.36 -18.31
C TYR A 112 8.35 -2.73 -18.42
N VAL A 113 7.63 -3.13 -17.36
CA VAL A 113 6.90 -4.39 -17.39
C VAL A 113 5.97 -4.44 -18.61
N ASN A 114 5.23 -3.37 -18.82
CA ASN A 114 4.21 -3.35 -19.85
C ASN A 114 4.78 -3.36 -21.26
N SER A 115 6.06 -2.98 -21.40
CA SER A 115 6.71 -2.97 -22.70
C SER A 115 7.65 -4.15 -22.89
N HIS A 116 7.70 -5.04 -21.91
CA HIS A 116 8.58 -6.20 -21.97
C HIS A 116 7.87 -7.51 -21.67
N ASN A 117 6.76 -7.70 -22.38
CA ASN A 117 6.01 -8.95 -22.38
C ASN A 117 5.33 -9.25 -21.07
N GLY A 118 5.04 -8.22 -20.29
CA GLY A 118 4.29 -8.37 -19.06
C GLY A 118 3.10 -7.44 -19.03
N LYS A 119 2.26 -7.59 -18.01
CA LYS A 119 1.15 -6.69 -17.78
C LYS A 119 1.04 -6.45 -16.29
N VAL A 120 1.05 -5.18 -15.89
CA VAL A 120 0.78 -4.82 -14.50
C VAL A 120 -0.73 -4.68 -14.29
N PHE A 121 -1.25 -5.36 -13.28
CA PHE A 121 -2.64 -5.19 -12.86
C PHE A 121 -2.67 -4.50 -11.51
N TYR A 122 -3.55 -3.51 -11.38
CA TYR A 122 -3.60 -2.70 -10.17
C TYR A 122 -4.68 -3.24 -9.26
N VAL A 123 -4.27 -3.90 -8.18
CA VAL A 123 -5.20 -4.47 -7.22
C VAL A 123 -5.12 -3.60 -5.97
N THR A 124 -6.18 -2.81 -5.77
CA THR A 124 -6.11 -1.66 -4.88
C THR A 124 -7.42 -1.47 -4.18
N ASN A 125 -7.38 -0.96 -2.96
CA ASN A 125 -8.60 -0.67 -2.24
C ASN A 125 -9.10 0.77 -2.36
N ARG A 126 -8.65 1.48 -3.39
CA ARG A 126 -9.45 2.60 -3.88
C ARG A 126 -10.77 1.98 -4.35
N LYS A 127 -11.85 2.74 -4.24
CA LYS A 127 -13.19 2.19 -4.45
C LYS A 127 -13.61 2.28 -5.91
N ASP A 128 -14.01 1.14 -6.47
CA ASP A 128 -14.34 1.08 -7.88
C ASP A 128 -15.44 2.07 -8.26
N SER A 129 -16.47 2.17 -7.42
CA SER A 129 -17.65 2.95 -7.79
C SER A 129 -17.47 4.46 -7.70
N THR A 130 -16.66 4.92 -6.75
CA THR A 130 -16.57 6.35 -6.46
C THR A 130 -15.18 6.96 -6.65
N GLU A 131 -14.15 6.12 -6.75
CA GLU A 131 -12.78 6.59 -6.74
C GLU A 131 -12.00 6.23 -8.01
N LYS A 132 -12.65 5.53 -8.94
CA LYS A 132 -11.96 5.09 -10.14
C LYS A 132 -11.58 6.23 -11.09
N SER A 133 -12.49 7.17 -11.32
CA SER A 133 -12.22 8.24 -12.28
CA SER A 133 -12.24 8.28 -12.26
C SER A 133 -11.00 9.09 -11.90
N GLY A 134 -10.90 9.47 -10.62
CA GLY A 134 -9.75 10.25 -10.19
C GLY A 134 -8.45 9.45 -10.26
N THR A 135 -8.54 8.17 -9.93
CA THR A 135 -7.38 7.28 -9.97
C THR A 135 -6.81 7.20 -11.37
N ILE A 136 -7.67 6.93 -12.35
CA ILE A 136 -7.24 6.80 -13.72
C ILE A 136 -6.70 8.12 -14.26
N ASP A 137 -7.38 9.21 -13.93
CA ASP A 137 -6.90 10.51 -14.39
C ASP A 137 -5.51 10.83 -13.82
N ASP A 138 -5.32 10.61 -12.53
CA ASP A 138 -4.04 10.89 -11.91
C ASP A 138 -2.95 10.01 -12.53
N MET A 139 -3.26 8.73 -12.72
CA MET A 139 -2.22 7.84 -13.26
C MET A 139 -1.82 8.19 -14.68
N LYS A 140 -2.77 8.59 -15.51
CA LYS A 140 -2.44 9.07 -16.85
C LYS A 140 -1.52 10.29 -16.76
N ARG A 141 -1.90 11.24 -15.91
CA ARG A 141 -1.13 12.48 -15.74
C ARG A 141 0.28 12.20 -15.23
N LEU A 142 0.40 11.20 -14.36
CA LEU A 142 1.68 10.89 -13.73
C LEU A 142 2.61 10.11 -14.66
N GLY A 143 2.09 9.65 -15.79
CA GLY A 143 2.92 9.00 -16.80
C GLY A 143 2.83 7.49 -16.90
N PHE A 144 1.95 6.87 -16.13
CA PHE A 144 1.77 5.43 -16.22
C PHE A 144 1.18 5.03 -17.57
N ASN A 145 1.80 4.03 -18.21
CA ASN A 145 1.22 3.38 -19.38
C ASN A 145 0.36 2.20 -18.94
N GLY A 146 -0.59 1.80 -19.78
CA GLY A 146 -1.41 0.64 -19.48
C GLY A 146 -2.48 0.86 -18.45
N VAL A 147 -3.04 2.07 -18.43
CA VAL A 147 -4.07 2.37 -17.42
C VAL A 147 -5.48 2.42 -18.01
N GLU A 148 -5.74 1.55 -18.98
CA GLU A 148 -7.10 1.34 -19.42
C GLU A 148 -7.88 0.68 -18.28
N GLU A 149 -9.20 0.82 -18.29
CA GLU A 149 -10.00 0.37 -17.15
C GLU A 149 -9.79 -1.09 -16.79
N SER A 150 -9.57 -1.92 -17.80
CA SER A 150 -9.45 -3.36 -17.58
C SER A 150 -8.17 -3.78 -16.85
N ALA A 151 -7.24 -2.85 -16.65
CA ALA A 151 -6.03 -3.15 -15.88
C ALA A 151 -6.31 -3.04 -14.40
N PHE A 152 -7.47 -2.48 -14.05
CA PHE A 152 -7.77 -2.17 -12.65
C PHE A 152 -8.69 -3.16 -11.99
N TYR A 153 -8.31 -3.51 -10.77
CA TYR A 153 -9.14 -4.32 -9.88
C TYR A 153 -9.35 -3.54 -8.57
N LEU A 154 -10.17 -2.49 -8.65
CA LEU A 154 -10.50 -1.69 -7.49
C LEU A 154 -11.48 -2.40 -6.58
N LYS A 155 -11.61 -1.90 -5.35
CA LYS A 155 -12.45 -2.52 -4.34
C LYS A 155 -13.92 -2.46 -4.72
N LYS A 156 -14.58 -3.60 -4.63
CA LYS A 156 -16.01 -3.65 -4.80
C LYS A 156 -16.63 -4.02 -3.45
N ASP A 157 -16.76 -5.31 -3.18
CA ASP A 157 -17.44 -5.76 -1.96
C ASP A 157 -16.49 -6.30 -0.88
N LYS A 158 -15.24 -6.55 -1.23
CA LYS A 158 -14.30 -7.13 -0.28
C LYS A 158 -12.98 -6.39 -0.24
N SER A 159 -12.48 -6.07 0.96
CA SER A 159 -11.18 -5.43 1.10
C SER A 159 -10.03 -6.42 0.94
N ALA A 160 -10.24 -7.68 1.33
CA ALA A 160 -9.22 -8.70 1.12
C ALA A 160 -9.02 -8.90 -0.38
N LYS A 161 -7.77 -9.10 -0.79
CA LYS A 161 -7.40 -9.01 -2.21
C LYS A 161 -7.23 -10.34 -2.94
N ALA A 162 -7.20 -11.45 -2.21
CA ALA A 162 -6.91 -12.74 -2.85
C ALA A 162 -7.87 -13.10 -3.97
N ALA A 163 -9.15 -12.78 -3.81
CA ALA A 163 -10.13 -13.11 -4.84
C ALA A 163 -9.83 -12.37 -6.15
N ARG A 164 -9.37 -11.13 -6.03
CA ARG A 164 -8.99 -10.38 -7.22
C ARG A 164 -7.74 -10.97 -7.88
N PHE A 165 -6.79 -11.45 -7.07
CA PHE A 165 -5.64 -12.13 -7.65
C PHE A 165 -6.11 -13.33 -8.45
N ALA A 166 -7.09 -14.06 -7.91
CA ALA A 166 -7.60 -15.24 -8.57
C ALA A 166 -8.29 -14.89 -9.90
N GLU A 167 -8.95 -13.74 -9.94
CA GLU A 167 -9.59 -13.29 -11.18
C GLU A 167 -8.56 -13.10 -12.28
N ILE A 168 -7.43 -12.52 -11.92
CA ILE A 168 -6.34 -12.29 -12.86
C ILE A 168 -5.81 -13.62 -13.40
N GLU A 169 -5.63 -14.60 -12.51
CA GLU A 169 -5.15 -15.91 -12.93
C GLU A 169 -6.14 -16.62 -13.87
N LYS A 170 -7.44 -16.43 -13.61
CA LYS A 170 -8.49 -17.02 -14.44
C LYS A 170 -8.45 -16.46 -15.87
N GLN A 171 -7.85 -15.28 -16.03
CA GLN A 171 -7.76 -14.67 -17.35
C GLN A 171 -6.52 -15.12 -18.13
N GLY A 172 -5.85 -16.14 -17.62
CA GLY A 172 -4.73 -16.75 -18.32
C GLY A 172 -3.37 -16.21 -17.96
N TYR A 173 -3.30 -15.48 -16.84
CA TYR A 173 -2.05 -14.92 -16.37
C TYR A 173 -1.43 -15.74 -15.25
N GLU A 174 -0.10 -15.77 -15.23
CA GLU A 174 0.62 -16.24 -14.06
C GLU A 174 1.25 -15.02 -13.41
N ILE A 175 0.96 -14.79 -12.14
CA ILE A 175 1.49 -13.64 -11.41
C ILE A 175 2.92 -13.93 -10.97
N VAL A 176 3.89 -13.20 -11.52
CA VAL A 176 5.29 -13.49 -11.26
C VAL A 176 5.84 -12.78 -10.04
N LEU A 177 5.19 -11.69 -9.64
CA LEU A 177 5.55 -11.00 -8.41
C LEU A 177 4.45 -10.03 -7.99
N TYR A 178 4.47 -9.68 -6.72
CA TYR A 178 3.52 -8.76 -6.12
C TYR A 178 4.29 -7.59 -5.54
N VAL A 179 3.74 -6.39 -5.69
CA VAL A 179 4.34 -5.19 -5.10
C VAL A 179 3.31 -4.57 -4.15
N GLY A 180 3.74 -4.20 -2.94
CA GLY A 180 2.82 -3.60 -1.98
C GLY A 180 3.50 -2.97 -0.80
N ASP A 181 2.72 -2.24 0.00
CA ASP A 181 3.22 -1.65 1.25
C ASP A 181 2.57 -2.31 2.47
N ASN A 182 1.63 -3.23 2.20
CA ASN A 182 0.82 -3.88 3.24
C ASN A 182 0.91 -5.39 3.00
N LEU A 183 1.13 -6.17 4.05
CA LEU A 183 1.21 -7.61 3.87
C LEU A 183 -0.03 -8.19 3.21
N ASP A 184 -1.17 -7.51 3.36
CA ASP A 184 -2.42 -7.97 2.76
C ASP A 184 -2.40 -7.80 1.24
N ASP A 185 -1.34 -7.18 0.73
CA ASP A 185 -1.13 -7.09 -0.72
C ASP A 185 -0.51 -8.36 -1.29
N PHE A 186 -0.22 -9.33 -0.43
CA PHE A 186 0.42 -10.57 -0.88
C PHE A 186 -0.49 -11.78 -0.74
N GLY A 187 -1.70 -11.57 -0.24
CA GLY A 187 -2.63 -12.67 0.00
C GLY A 187 -3.54 -12.38 1.18
N ASN A 188 -4.32 -13.38 1.59
CA ASN A 188 -5.30 -13.19 2.65
C ASN A 188 -4.92 -13.82 3.98
N THR A 189 -3.77 -14.49 4.05
CA THR A 189 -3.56 -15.36 5.21
C THR A 189 -3.43 -14.62 6.55
N VAL A 190 -3.09 -13.34 6.52
CA VAL A 190 -3.08 -12.57 7.77
C VAL A 190 -3.99 -11.36 7.73
N TYR A 191 -4.94 -11.38 6.79
CA TYR A 191 -5.93 -10.31 6.70
C TYR A 191 -6.78 -10.27 7.97
N GLY A 192 -6.86 -9.10 8.59
CA GLY A 192 -7.63 -8.92 9.81
C GLY A 192 -6.97 -9.47 11.07
N LYS A 193 -5.73 -9.93 10.93
CA LYS A 193 -5.01 -10.53 12.06
C LYS A 193 -4.15 -9.51 12.79
N LEU A 194 -3.78 -9.84 14.02
CA LEU A 194 -2.94 -8.95 14.80
C LEU A 194 -1.47 -9.10 14.41
N ASN A 195 -0.65 -8.17 14.88
CA ASN A 195 0.72 -8.10 14.39
C ASN A 195 1.61 -9.31 14.67
N ALA A 196 1.35 -10.03 15.76
CA ALA A 196 2.13 -11.25 16.00
C ALA A 196 1.98 -12.24 14.85
N ASP A 197 0.73 -12.45 14.41
CA ASP A 197 0.48 -13.36 13.28
C ASP A 197 1.07 -12.81 11.98
N ARG A 198 1.06 -11.48 11.85
CA ARG A 198 1.59 -10.87 10.64
C ARG A 198 3.12 -10.98 10.59
N ARG A 199 3.78 -10.75 11.71
CA ARG A 199 5.22 -11.00 11.78
C ARG A 199 5.56 -12.46 11.47
N ALA A 200 4.73 -13.38 11.96
CA ALA A 200 4.97 -14.80 11.73
C ALA A 200 4.90 -15.14 10.24
N PHE A 201 3.92 -14.56 9.55
CA PHE A 201 3.80 -14.74 8.10
C PHE A 201 5.09 -14.28 7.40
N VAL A 202 5.62 -13.14 7.82
CA VAL A 202 6.83 -12.63 7.21
C VAL A 202 8.00 -13.59 7.46
N ASP A 203 8.15 -14.07 8.69
CA ASP A 203 9.22 -15.01 8.99
C ASP A 203 9.09 -16.28 8.15
N GLN A 204 7.85 -16.72 7.94
CA GLN A 204 7.59 -17.93 7.17
C GLN A 204 7.86 -17.74 5.68
N ASN A 205 8.04 -16.50 5.27
CA ASN A 205 8.25 -16.17 3.86
C ASN A 205 9.52 -15.35 3.66
N GLN A 206 10.47 -15.48 4.59
CA GLN A 206 11.64 -14.63 4.62
C GLN A 206 12.34 -14.46 3.26
N GLY A 207 12.48 -15.57 2.54
CA GLY A 207 13.25 -15.58 1.32
C GLY A 207 12.55 -14.94 0.12
N LYS A 208 11.25 -14.70 0.26
CA LYS A 208 10.48 -14.15 -0.85
C LYS A 208 10.61 -12.64 -0.96
N PHE A 209 10.99 -11.98 0.12
CA PHE A 209 11.00 -10.51 0.09
C PHE A 209 12.16 -9.96 -0.73
N GLY A 210 11.84 -9.06 -1.65
CA GLY A 210 12.81 -8.53 -2.59
C GLY A 210 12.94 -9.43 -3.80
N LYS A 211 12.17 -10.51 -3.81
CA LYS A 211 12.15 -11.45 -4.94
C LYS A 211 10.74 -11.49 -5.53
N THR A 212 9.84 -12.25 -4.92
CA THR A 212 8.47 -12.33 -5.44
C THR A 212 7.46 -11.46 -4.66
N PHE A 213 7.82 -11.07 -3.44
CA PHE A 213 7.05 -10.07 -2.69
C PHE A 213 7.92 -8.83 -2.56
N ILE A 214 7.52 -7.74 -3.21
CA ILE A 214 8.30 -6.51 -3.17
C ILE A 214 7.64 -5.51 -2.22
N MET A 215 8.38 -5.06 -1.22
CA MET A 215 7.87 -4.18 -0.18
C MET A 215 8.22 -2.70 -0.36
N LEU A 216 7.22 -1.84 -0.20
CA LEU A 216 7.43 -0.39 -0.07
C LEU A 216 7.14 0.01 1.37
N PRO A 217 7.84 1.04 1.88
CA PRO A 217 7.65 1.45 3.28
C PRO A 217 6.45 2.38 3.51
N ASN A 218 5.69 2.11 4.57
CA ASN A 218 4.57 2.96 4.93
C ASN A 218 4.42 2.99 6.45
N ALA A 219 4.91 4.06 7.05
CA ALA A 219 4.91 4.22 8.51
C ALA A 219 3.68 4.97 9.00
N ASN A 220 2.76 5.25 8.08
CA ASN A 220 1.62 6.12 8.37
C ASN A 220 0.29 5.38 8.63
N TYR A 221 0.05 4.28 7.92
CA TYR A 221 -1.21 3.54 8.09
C TYR A 221 -1.07 2.16 7.48
N GLY A 222 -2.06 1.31 7.76
CA GLY A 222 -2.16 0.02 7.11
C GLY A 222 -2.70 -1.07 8.03
N GLY A 223 -2.60 -2.31 7.56
CA GLY A 223 -3.02 -3.47 8.34
C GLY A 223 -2.24 -3.60 9.64
N TRP A 224 -1.02 -3.08 9.68
CA TRP A 224 -0.23 -3.11 10.91
C TRP A 224 -0.82 -2.19 11.98
N GLU A 225 -1.56 -1.16 11.56
CA GLU A 225 -2.18 -0.27 12.54
C GLU A 225 -3.33 -1.00 13.24
N GLY A 226 -4.22 -1.59 12.45
CA GLY A 226 -5.26 -2.42 13.02
C GLY A 226 -4.66 -3.57 13.82
N GLY A 227 -3.49 -4.03 13.39
CA GLY A 227 -2.83 -5.14 14.05
C GLY A 227 -2.32 -4.84 15.45
N LEU A 228 -2.39 -3.58 15.87
CA LEU A 228 -1.91 -3.18 17.19
C LEU A 228 -2.78 -3.67 18.34
N ALA A 229 -4.05 -3.98 18.06
CA ALA A 229 -4.97 -4.40 19.12
C ALA A 229 -6.23 -5.03 18.55
N GLU A 230 -6.78 -6.01 19.24
CA GLU A 230 -8.06 -6.60 18.84
C GLU A 230 -9.11 -5.48 18.74
N GLY A 231 -9.82 -5.45 17.62
CA GLY A 231 -10.89 -4.49 17.41
C GLY A 231 -10.43 -3.05 17.31
N TYR A 232 -9.17 -2.83 16.97
CA TYR A 232 -8.60 -1.48 16.92
C TYR A 232 -9.43 -0.48 16.13
N PHE A 233 -9.85 -0.86 14.93
CA PHE A 233 -10.52 0.08 14.04
C PHE A 233 -11.93 0.44 14.51
N LYS A 234 -12.45 -0.32 15.47
CA LYS A 234 -13.76 -0.05 16.04
C LYS A 234 -13.68 0.76 17.34
N LYS A 235 -12.47 0.91 17.87
CA LYS A 235 -12.26 1.72 19.07
C LYS A 235 -12.45 3.20 18.77
N ASP A 236 -12.77 3.99 19.79
CA ASP A 236 -12.81 5.44 19.62
C ASP A 236 -11.40 6.01 19.64
N THR A 237 -11.28 7.31 19.44
CA THR A 237 -9.98 7.94 19.32
C THR A 237 -9.10 7.67 20.55
N GLN A 238 -9.68 7.84 21.74
CA GLN A 238 -8.94 7.61 22.96
C GLN A 238 -8.46 6.16 23.04
N GLY A 239 -9.30 5.24 22.59
CA GLY A 239 -8.95 3.83 22.59
C GLY A 239 -7.79 3.52 21.66
N GLN A 240 -7.76 4.19 20.52
CA GLN A 240 -6.69 3.98 19.56
C GLN A 240 -5.37 4.57 20.06
N ILE A 241 -5.45 5.73 20.71
CA ILE A 241 -4.27 6.31 21.35
C ILE A 241 -3.70 5.35 22.37
N LYS A 242 -4.57 4.79 23.22
CA LYS A 242 -4.14 3.87 24.25
C LYS A 242 -3.53 2.61 23.65
N ALA A 243 -4.13 2.12 22.57
CA ALA A 243 -3.61 0.93 21.89
C ALA A 243 -2.20 1.16 21.36
N ARG A 244 -1.98 2.32 20.77
CA ARG A 244 -0.66 2.67 20.25
C ARG A 244 0.36 2.75 21.38
N LEU A 245 0.01 3.47 22.45
CA LEU A 245 0.95 3.64 23.55
C LEU A 245 1.20 2.33 24.29
N ASP A 246 0.17 1.50 24.41
CA ASP A 246 0.32 0.20 25.06
C ASP A 246 1.20 -0.76 24.25
N ALA A 247 1.29 -0.55 22.93
CA ALA A 247 2.09 -1.43 22.09
C ALA A 247 3.57 -1.10 22.17
N VAL A 248 3.88 0.09 22.67
CA VAL A 248 5.27 0.54 22.76
C VAL A 248 6.10 -0.37 23.66
N GLN A 249 7.25 -0.81 23.16
CA GLN A 249 8.21 -1.54 23.96
C GLN A 249 9.32 -0.58 24.40
N ALA A 250 9.45 -0.40 25.70
CA ALA A 250 10.37 0.61 26.23
C ALA A 250 11.41 0.02 27.17
N TRP A 251 12.64 0.50 27.00
CA TRP A 251 13.71 0.29 27.96
C TRP A 251 13.24 0.85 29.30
N ASP A 252 13.56 0.16 30.40
CA ASP A 252 13.16 0.62 31.72
C ASP A 252 14.11 1.67 32.31
N GLY A 253 15.16 2.00 31.57
CA GLY A 253 16.11 3.01 32.00
C GLY A 253 17.18 2.48 32.93
N LYS A 254 17.21 1.16 33.11
CA LYS A 254 18.17 0.54 34.02
C LYS A 254 19.20 -0.32 33.28
N LEU A 255 20.25 -0.72 33.98
CA LEU A 255 21.28 -1.59 33.40
C LEU A 255 21.03 -3.04 33.76
P AMP B . -4.45 0.43 -1.49
O1P AMP B . -4.34 0.84 -2.94
O2P AMP B . -3.23 0.58 -0.65
O3P AMP B . -5.01 -0.96 -1.36
O5' AMP B . -5.60 1.30 -0.82
C5' AMP B . -5.61 1.55 0.56
C4' AMP B . -6.95 2.04 1.02
O4' AMP B . -6.94 2.16 2.47
C3' AMP B . -7.36 3.43 0.54
O3' AMP B . -7.92 3.42 -0.77
C2' AMP B . -8.34 3.89 1.61
O2' AMP B . -9.62 3.33 1.41
C1' AMP B . -7.73 3.26 2.87
N9 AMP B . -6.88 4.21 3.61
C8 AMP B . -6.16 5.24 3.14
N7 AMP B . -5.53 5.90 4.15
C5 AMP B . -5.86 5.27 5.29
C6 AMP B . -5.58 5.43 6.73
N6 AMP B . -4.78 6.41 7.18
N1 AMP B . -6.14 4.55 7.58
C2 AMP B . -6.94 3.56 7.18
N3 AMP B . -7.26 3.35 5.88
C4 AMP B . -6.76 4.17 4.93
MG MG C . -1.25 0.27 -0.29
#